data_9VHZ
#
_entry.id   9VHZ
#
_cell.length_a   61.361
_cell.length_b   72.353
_cell.length_c   170.587
_cell.angle_alpha   90.000
_cell.angle_beta   90.000
_cell.angle_gamma   90.000
#
_symmetry.space_group_name_H-M   'P 21 21 21'
#
loop_
_entity.id
_entity.type
_entity.pdbx_description
1 polymer 'hmMM1-40 Fab heavy chain'
2 polymer 'hmMM1-40 Fab light chain'
3 polymer 'Entry-fusion complex associated protein OPG095'
#
loop_
_entity_poly.entity_id
_entity_poly.type
_entity_poly.pdbx_seq_one_letter_code
_entity_poly.pdbx_strand_id
1 'polypeptide(L)'
;QVQLVQSGAEVKKPGASVKVSCKASGYIFTRYWMHWVRQAPGQGLEWMGYINPSTGYTEYNQKFKDRVTMTRDTSTSTVY
MELSSLRSEDTAVYYCARSDYTNYVFEYWGQGTLVTVSSTVSSASTKGPSVFPLAPSSKSTSGGTAALGCLVKDYFPEPV
TVSWNSGALTSGVHTFPAVLQSSGLYSLSSVVTVPSSSLGTQTYICNVNHKPSNTKVDKRVEPKSCDKTHHHHHHH
;
A
2 'polypeptide(L)'
;DVVMTQSPLSLPVTLGQPASISCRSSQSLVHSNGNTYLHWFQQRPGQSPRRLIYKVSNRFSGVPDRFSGSGSGTDFTLKI
SRVEAEDVGVYYCSQSTHVPYTFGGGTKVEIKRTVAAPSVFIFPPSDEQLKSGTASVVCLLNNFYPREAKVQWKVDNALQ
SGNSQESVTEQDSKDSTYSLSSTLTLSKADYEKHKVYACEVTHQGLSSPVTKSFNRGECS
;
B
3 'polypeptide(L)'
;MGAAASIQTTVNTLSERISSKLEQEANASAQTKCDIEIGNFYIRQNHGCNITVKNMCSADADAQLDAVLSAATETYSGLT
PEQKAYVPAMFTAALNIQTSVNTVVRDFENYVKQTCNSSAVVDNKLKIQNVIIDECYGAPGSPTNLEFINTGSSKGNCAI
KALMQLTTKATTQIAPRQVAG
;
Q
#
# COMPACT_ATOMS: atom_id res chain seq x y z
N GLN A 1 16.74 -8.88 2.06
CA GLN A 1 15.63 -8.74 1.15
C GLN A 1 14.34 -8.35 1.90
N VAL A 2 13.82 -7.17 1.56
CA VAL A 2 12.82 -6.50 2.37
C VAL A 2 11.48 -7.23 2.27
N GLN A 3 10.79 -7.37 3.41
CA GLN A 3 9.56 -8.17 3.45
C GLN A 3 8.53 -7.59 4.42
N LEU A 4 7.30 -7.50 3.94
CA LEU A 4 6.23 -6.83 4.72
C LEU A 4 5.05 -7.78 4.89
N VAL A 5 4.88 -8.34 6.09
CA VAL A 5 3.81 -9.27 6.41
C VAL A 5 2.66 -8.53 7.07
N GLN A 6 1.45 -8.76 6.57
CA GLN A 6 0.25 -8.15 7.10
C GLN A 6 -0.73 -9.19 7.63
N SER A 7 -1.64 -8.73 8.49
CA SER A 7 -2.69 -9.54 9.08
C SER A 7 -3.85 -9.79 8.10
N GLY A 8 -4.67 -10.80 8.43
CA GLY A 8 -5.72 -11.29 7.54
C GLY A 8 -7.03 -10.51 7.62
N ALA A 9 -7.96 -10.88 6.74
CA ALA A 9 -9.15 -10.06 6.50
C ALA A 9 -10.02 -9.97 7.77
N GLU A 10 -10.94 -9.02 7.77
CA GLU A 10 -11.73 -8.73 8.97
C GLU A 10 -13.12 -8.26 8.57
N VAL A 11 -14.10 -8.45 9.47
CA VAL A 11 -15.47 -8.01 9.23
C VAL A 11 -16.05 -7.40 10.49
N LYS A 12 -16.14 -6.08 10.54
CA LYS A 12 -16.60 -5.41 11.74
C LYS A 12 -17.95 -4.75 11.50
N LYS A 13 -18.65 -4.57 12.62
CA LYS A 13 -20.00 -3.96 12.54
C LYS A 13 -19.83 -2.45 12.60
N PRO A 14 -20.64 -1.68 11.85
CA PRO A 14 -20.52 -0.21 11.78
C PRO A 14 -20.51 0.45 13.16
N GLY A 15 -19.48 1.25 13.40
CA GLY A 15 -19.28 1.92 14.67
C GLY A 15 -18.19 1.35 15.54
N ALA A 16 -17.65 0.17 15.19
CA ALA A 16 -16.65 -0.50 16.02
C ALA A 16 -15.22 -0.08 15.67
N SER A 17 -14.26 -0.97 15.93
CA SER A 17 -12.85 -0.70 15.66
C SER A 17 -12.13 -1.98 15.26
N VAL A 18 -11.05 -1.79 14.50
CA VAL A 18 -10.22 -2.85 13.95
C VAL A 18 -8.78 -2.39 14.04
N LYS A 19 -7.86 -3.36 14.16
CA LYS A 19 -6.43 -3.08 14.15
C LYS A 19 -5.74 -3.97 13.14
N VAL A 20 -5.24 -3.36 12.06
CA VAL A 20 -4.35 -4.03 11.11
C VAL A 20 -2.95 -4.00 11.69
N SER A 21 -2.04 -4.79 11.12
CA SER A 21 -0.65 -4.77 11.54
C SER A 21 0.20 -5.07 10.34
N CYS A 22 1.51 -5.11 10.59
CA CYS A 22 2.49 -5.06 9.53
C CYS A 22 3.84 -5.42 10.11
N LYS A 23 4.09 -6.72 10.26
CA LYS A 23 5.43 -7.15 10.61
C LYS A 23 6.38 -6.82 9.46
N ALA A 24 7.61 -6.51 9.82
CA ALA A 24 8.60 -6.13 8.84
C ALA A 24 9.82 -7.03 9.01
N SER A 25 10.70 -6.97 8.01
CA SER A 25 11.91 -7.79 7.96
C SER A 25 12.83 -7.28 6.85
N GLY A 26 14.13 -7.38 7.08
CA GLY A 26 15.10 -7.21 6.01
C GLY A 26 15.85 -5.91 6.00
N TYR A 27 15.53 -4.99 6.91
CA TYR A 27 16.16 -3.67 6.97
C TYR A 27 16.11 -3.20 8.42
N ILE A 28 17.00 -2.26 8.76
CA ILE A 28 17.02 -1.71 10.11
C ILE A 28 15.72 -0.94 10.37
N PHE A 29 14.78 -1.54 11.12
CA PHE A 29 13.45 -0.99 11.39
C PHE A 29 13.44 0.51 11.54
N THR A 30 14.19 1.00 12.52
CA THR A 30 14.17 2.40 12.90
C THR A 30 14.71 3.33 11.82
N ARG A 31 15.27 2.80 10.73
CA ARG A 31 15.87 3.69 9.74
C ARG A 31 14.89 4.15 8.66
N TYR A 32 13.68 3.58 8.58
CA TYR A 32 12.79 3.92 7.47
C TYR A 32 11.37 4.13 7.98
N TRP A 33 10.66 5.08 7.37
CA TRP A 33 9.28 5.37 7.71
C TRP A 33 8.36 4.34 7.09
N MET A 34 7.17 4.20 7.69
CA MET A 34 6.16 3.22 7.30
C MET A 34 4.86 3.93 6.97
N HIS A 35 4.35 3.75 5.76
CA HIS A 35 3.09 4.39 5.44
C HIS A 35 1.94 3.41 5.47
N TRP A 36 0.77 3.91 5.14
CA TRP A 36 -0.43 3.12 5.13
C TRP A 36 -1.34 3.69 4.07
N VAL A 37 -1.72 2.83 3.14
CA VAL A 37 -2.60 3.21 2.06
C VAL A 37 -3.77 2.24 2.06
N ARG A 38 -4.94 2.75 1.73
CA ARG A 38 -6.13 1.94 1.62
C ARG A 38 -6.62 2.04 0.18
N GLN A 39 -7.26 0.97 -0.28
CA GLN A 39 -7.81 0.91 -1.65
C GLN A 39 -9.19 0.29 -1.58
N ALA A 40 -10.23 1.12 -1.76
CA ALA A 40 -11.59 0.63 -1.79
C ALA A 40 -11.74 -0.39 -2.92
N PRO A 41 -12.70 -1.32 -2.78
CA PRO A 41 -12.92 -2.30 -3.86
C PRO A 41 -13.24 -1.61 -5.18
N GLY A 42 -12.45 -1.93 -6.19
CA GLY A 42 -12.58 -1.27 -7.48
C GLY A 42 -12.42 0.24 -7.42
N GLN A 43 -11.52 0.72 -6.56
CA GLN A 43 -11.26 2.15 -6.42
C GLN A 43 -9.76 2.41 -6.40
N GLY A 44 -9.40 3.67 -6.54
CA GLY A 44 -8.01 4.05 -6.49
C GLY A 44 -7.48 4.10 -5.08
N LEU A 45 -6.16 4.24 -5.02
CA LEU A 45 -5.48 4.26 -3.71
C LEU A 45 -5.72 5.57 -2.97
N GLU A 46 -5.44 5.58 -1.68
CA GLU A 46 -5.69 6.73 -0.82
C GLU A 46 -4.73 6.67 0.35
N TRP A 47 -4.02 7.77 0.60
CA TRP A 47 -2.95 7.79 1.59
C TRP A 47 -3.52 8.12 2.96
N MET A 48 -3.15 7.33 3.94
CA MET A 48 -3.66 7.58 5.28
C MET A 48 -2.65 8.25 6.18
N GLY A 49 -1.39 7.84 6.13
CA GLY A 49 -0.39 8.51 6.92
C GLY A 49 0.82 7.61 7.07
N TYR A 50 1.70 8.02 7.97
CA TYR A 50 2.94 7.33 8.18
C TYR A 50 3.31 7.40 9.65
N ILE A 51 4.36 6.67 9.98
CA ILE A 51 4.88 6.60 11.34
C ILE A 51 6.40 6.49 11.23
N ASN A 52 7.10 7.16 12.13
CA ASN A 52 8.52 6.93 12.28
C ASN A 52 8.71 5.88 13.36
N PRO A 53 9.44 4.82 13.09
CA PRO A 53 9.58 3.74 14.07
C PRO A 53 10.70 3.98 15.06
N SER A 54 11.61 4.90 14.77
CA SER A 54 12.61 5.22 15.78
C SER A 54 11.98 6.02 16.92
N THR A 55 10.97 6.84 16.65
CA THR A 55 10.49 7.81 17.64
C THR A 55 9.02 7.70 18.00
N GLY A 56 8.18 7.22 17.09
CA GLY A 56 6.76 7.29 17.30
C GLY A 56 6.06 8.41 16.57
N TYR A 57 6.79 9.35 15.96
CA TYR A 57 6.12 10.45 15.30
C TYR A 57 5.17 9.91 14.24
N THR A 58 4.03 10.57 14.09
CA THR A 58 3.04 10.17 13.11
C THR A 58 2.55 11.39 12.37
N GLU A 59 1.88 11.15 11.25
CA GLU A 59 1.30 12.25 10.49
C GLU A 59 0.19 11.64 9.68
N TYR A 60 -1.05 11.97 10.02
CA TYR A 60 -2.25 11.39 9.44
C TYR A 60 -2.83 12.27 8.33
N ASN A 61 -3.51 11.65 7.39
CA ASN A 61 -4.45 12.39 6.57
C ASN A 61 -5.58 12.90 7.46
N GLN A 62 -6.15 14.05 7.13
CA GLN A 62 -7.18 14.64 8.01
C GLN A 62 -8.44 13.79 7.94
N LYS A 63 -8.68 13.17 6.78
CA LYS A 63 -9.89 12.33 6.58
C LYS A 63 -10.05 11.32 7.71
N PHE A 64 -8.96 10.98 8.40
CA PHE A 64 -9.02 9.94 9.45
C PHE A 64 -8.21 10.40 10.66
N LYS A 65 -8.15 11.71 10.90
CA LYS A 65 -7.32 12.26 11.96
C LYS A 65 -7.77 11.79 13.34
N ASP A 66 -9.04 11.48 13.46
CA ASP A 66 -9.69 11.06 14.69
C ASP A 66 -9.90 9.55 14.78
N ARG A 67 -9.70 8.83 13.68
CA ARG A 67 -10.06 7.42 13.62
C ARG A 67 -8.85 6.50 13.45
N VAL A 68 -7.72 6.98 12.89
CA VAL A 68 -6.50 6.19 12.77
C VAL A 68 -5.56 6.52 13.91
N THR A 69 -4.73 5.54 14.26
CA THR A 69 -3.72 5.65 15.31
C THR A 69 -2.60 4.66 14.98
N MET A 70 -1.69 5.07 14.12
CA MET A 70 -0.53 4.26 13.77
C MET A 70 0.39 4.08 14.97
N THR A 71 0.98 2.89 15.07
CA THR A 71 1.71 2.51 16.28
C THR A 71 2.88 1.63 15.86
N ARG A 72 3.85 1.48 16.76
CA ARG A 72 5.02 0.69 16.45
C ARG A 72 5.42 -0.21 17.61
N ASP A 73 6.49 -0.96 17.38
CA ASP A 73 6.99 -1.92 18.36
C ASP A 73 8.45 -2.22 17.95
N THR A 74 9.38 -1.42 18.49
CA THR A 74 10.77 -1.56 18.08
C THR A 74 11.29 -2.98 18.25
N SER A 75 10.64 -3.79 19.08
CA SER A 75 11.13 -5.15 19.33
C SER A 75 10.69 -6.11 18.23
N THR A 76 9.39 -6.15 17.93
CA THR A 76 8.84 -7.07 16.94
C THR A 76 8.82 -6.50 15.52
N SER A 77 9.40 -5.32 15.31
CA SER A 77 9.47 -4.71 13.98
C SER A 77 8.11 -4.56 13.34
N THR A 78 7.08 -4.37 14.15
CA THR A 78 5.69 -4.41 13.70
C THR A 78 5.04 -3.04 13.83
N VAL A 79 4.42 -2.59 12.76
CA VAL A 79 3.72 -1.31 12.74
C VAL A 79 2.24 -1.59 12.68
N TYR A 80 1.51 -1.12 13.66
CA TYR A 80 0.09 -1.36 13.69
C TYR A 80 -0.64 -0.19 13.06
N MET A 81 -1.96 -0.29 13.08
CA MET A 81 -2.83 0.73 12.50
C MET A 81 -4.24 0.43 12.94
N GLU A 82 -4.84 1.27 13.78
CA GLU A 82 -6.18 1.02 14.32
C GLU A 82 -7.14 2.06 13.75
N LEU A 83 -8.06 1.63 12.89
CA LEU A 83 -9.14 2.52 12.47
C LEU A 83 -10.33 2.31 13.39
N SER A 84 -10.79 3.38 14.04
CA SER A 84 -11.92 3.36 14.94
C SER A 84 -13.15 3.92 14.23
N SER A 85 -14.33 3.57 14.78
CA SER A 85 -15.62 4.00 14.23
C SER A 85 -15.75 3.61 12.76
N LEU A 86 -15.61 2.31 12.50
CA LEU A 86 -15.63 1.83 11.11
C LEU A 86 -16.99 2.08 10.47
N ARG A 87 -17.01 2.80 9.34
CA ARG A 87 -18.26 2.96 8.62
C ARG A 87 -18.37 1.89 7.54
N SER A 88 -19.37 2.03 6.66
CA SER A 88 -19.52 1.11 5.52
C SER A 88 -18.51 1.40 4.43
N GLU A 89 -18.18 2.68 4.22
CA GLU A 89 -17.18 3.06 3.24
C GLU A 89 -15.76 2.64 3.66
N ASP A 90 -15.50 2.51 4.95
CA ASP A 90 -14.16 2.15 5.40
C ASP A 90 -13.78 0.75 4.96
N THR A 91 -14.71 -0.02 4.41
CA THR A 91 -14.40 -1.34 3.87
C THR A 91 -13.45 -1.18 2.69
N ALA A 92 -12.29 -1.87 2.75
CA ALA A 92 -11.28 -1.77 1.71
C ALA A 92 -10.08 -2.69 1.97
N VAL A 93 -9.09 -2.64 1.09
CA VAL A 93 -7.79 -3.27 1.35
C VAL A 93 -6.92 -2.21 2.01
N TYR A 94 -5.90 -2.64 2.74
CA TYR A 94 -5.03 -1.74 3.50
C TYR A 94 -3.62 -2.25 3.36
N TYR A 95 -2.77 -1.53 2.63
CA TYR A 95 -1.36 -1.86 2.47
C TYR A 95 -0.54 -0.96 3.37
N CYS A 96 0.62 -1.45 3.79
CA CYS A 96 1.60 -0.64 4.49
C CYS A 96 2.84 -0.57 3.61
N ALA A 97 3.51 0.58 3.57
CA ALA A 97 4.62 0.75 2.65
C ALA A 97 5.82 1.33 3.38
N ARG A 98 7.01 0.95 2.93
CA ARG A 98 8.26 1.51 3.39
C ARG A 98 8.68 2.63 2.47
N SER A 99 9.42 3.58 3.04
CA SER A 99 9.86 4.79 2.38
C SER A 99 11.28 4.61 1.87
N ASP A 100 11.75 5.60 1.12
CA ASP A 100 13.18 5.62 0.80
C ASP A 100 13.90 6.24 1.99
N TYR A 101 15.03 6.91 1.76
CA TYR A 101 15.76 7.57 2.84
C TYR A 101 15.39 9.04 2.94
N THR A 102 14.48 9.51 2.10
CA THR A 102 14.08 10.90 2.16
C THR A 102 12.64 11.05 2.60
N ASN A 103 11.95 9.95 2.87
CA ASN A 103 10.54 9.98 3.21
C ASN A 103 9.71 10.62 2.10
N TYR A 104 10.17 10.48 0.85
CA TYR A 104 9.47 11.05 -0.30
C TYR A 104 8.93 10.06 -1.31
N VAL A 105 9.38 8.78 -1.31
CA VAL A 105 8.86 7.77 -2.24
C VAL A 105 8.56 6.47 -1.50
N PHE A 106 7.65 5.68 -2.08
CA PHE A 106 7.29 4.38 -1.53
C PHE A 106 8.14 3.29 -2.20
N GLU A 107 9.08 2.71 -1.44
CA GLU A 107 9.97 1.72 -2.02
C GLU A 107 9.49 0.28 -1.87
N TYR A 108 8.68 -0.06 -0.86
CA TYR A 108 8.29 -1.45 -0.68
C TYR A 108 6.85 -1.49 -0.19
N TRP A 109 6.02 -2.22 -0.92
CA TRP A 109 4.59 -2.34 -0.53
C TRP A 109 4.38 -3.68 0.14
N GLY A 110 3.29 -3.83 0.89
CA GLY A 110 3.04 -5.06 1.64
C GLY A 110 2.36 -6.12 0.80
N GLN A 111 1.10 -6.43 1.11
CA GLN A 111 0.41 -7.54 0.40
C GLN A 111 -1.09 -7.27 0.42
N GLY A 112 -1.59 -6.69 1.51
CA GLY A 112 -3.01 -6.34 1.56
C GLY A 112 -3.71 -6.86 2.79
N THR A 113 -4.84 -6.25 3.14
CA THR A 113 -5.65 -6.71 4.29
C THR A 113 -7.07 -6.19 4.06
N LEU A 114 -7.99 -7.08 3.67
CA LEU A 114 -9.33 -6.63 3.37
C LEU A 114 -10.14 -6.56 4.66
N VAL A 115 -10.41 -5.36 5.11
CA VAL A 115 -11.30 -5.12 6.23
C VAL A 115 -12.62 -4.65 5.67
N THR A 116 -13.73 -5.14 6.24
CA THR A 116 -15.07 -4.74 5.79
C THR A 116 -16.09 -4.45 6.89
N SER A 123 -19.95 -12.53 9.57
CA SER A 123 -18.61 -12.93 10.00
C SER A 123 -18.53 -14.33 10.63
N ALA A 124 -17.52 -15.13 10.24
CA ALA A 124 -17.47 -16.55 10.61
C ALA A 124 -16.04 -16.99 10.95
N SER A 125 -15.88 -18.29 11.26
CA SER A 125 -14.61 -18.91 11.65
C SER A 125 -14.09 -19.81 10.51
N THR A 126 -13.07 -20.64 10.82
CA THR A 126 -12.33 -21.38 9.79
C THR A 126 -13.04 -22.68 9.39
N LYS A 127 -13.43 -22.77 8.12
CA LYS A 127 -14.28 -23.85 7.62
C LYS A 127 -13.83 -24.30 6.23
N GLY A 128 -14.05 -25.57 5.93
CA GLY A 128 -13.73 -26.12 4.64
C GLY A 128 -14.93 -26.15 3.72
N PRO A 129 -14.69 -26.17 2.42
CA PRO A 129 -15.77 -26.00 1.45
C PRO A 129 -16.50 -27.28 1.10
N SER A 130 -17.76 -27.11 0.73
CA SER A 130 -18.52 -28.15 0.06
C SER A 130 -18.33 -27.99 -1.44
N VAL A 131 -18.09 -29.08 -2.14
CA VAL A 131 -17.83 -29.03 -3.57
C VAL A 131 -19.01 -29.60 -4.33
N PHE A 132 -19.51 -28.85 -5.29
CA PHE A 132 -20.71 -29.29 -5.99
C PHE A 132 -20.48 -29.39 -7.49
N PRO A 133 -20.95 -30.46 -8.12
CA PRO A 133 -20.74 -30.65 -9.56
C PRO A 133 -21.64 -29.73 -10.37
N LEU A 134 -21.05 -28.93 -11.26
CA LEU A 134 -21.85 -28.23 -12.27
C LEU A 134 -21.86 -29.08 -13.53
N ALA A 135 -22.90 -29.96 -13.66
CA ALA A 135 -22.84 -31.01 -14.67
C ALA A 135 -23.16 -30.46 -16.06
N PRO A 136 -22.47 -30.93 -17.10
CA PRO A 136 -22.70 -30.41 -18.44
C PRO A 136 -24.13 -30.60 -18.88
N SER A 137 -24.51 -29.81 -19.88
CA SER A 137 -25.91 -29.84 -20.38
C SER A 137 -26.15 -31.09 -21.22
N SER A 138 -27.41 -31.52 -21.28
CA SER A 138 -27.76 -32.68 -22.12
C SER A 138 -27.93 -32.21 -23.56
N LYS A 139 -28.49 -31.01 -23.75
CA LYS A 139 -28.75 -30.51 -25.12
C LYS A 139 -27.42 -30.33 -25.86
N SER A 140 -26.41 -29.75 -25.20
CA SER A 140 -25.06 -29.62 -25.79
C SER A 140 -25.10 -29.18 -27.25
N THR A 141 -24.13 -29.63 -28.06
CA THR A 141 -24.14 -29.33 -29.52
C THR A 141 -23.38 -30.44 -30.24
N SER A 142 -24.08 -31.52 -30.60
CA SER A 142 -23.45 -32.62 -31.37
C SER A 142 -22.13 -33.07 -30.72
N GLY A 143 -21.01 -32.75 -31.36
CA GLY A 143 -19.69 -33.09 -30.81
C GLY A 143 -18.81 -31.87 -30.69
N GLY A 144 -19.43 -30.69 -30.58
CA GLY A 144 -18.69 -29.42 -30.48
C GLY A 144 -18.12 -29.17 -29.10
N THR A 145 -18.55 -28.09 -28.44
CA THR A 145 -17.94 -27.75 -27.12
C THR A 145 -18.99 -27.78 -26.02
N ALA A 146 -18.62 -28.36 -24.88
CA ALA A 146 -19.52 -28.42 -23.72
C ALA A 146 -18.84 -27.80 -22.52
N ALA A 147 -19.63 -27.34 -21.55
CA ALA A 147 -19.09 -26.67 -20.37
C ALA A 147 -19.57 -27.40 -19.14
N LEU A 148 -18.62 -27.72 -18.24
CA LEU A 148 -18.89 -28.29 -16.92
C LEU A 148 -18.02 -27.60 -15.90
N GLY A 149 -18.26 -27.90 -14.63
CA GLY A 149 -17.52 -27.20 -13.61
C GLY A 149 -17.68 -27.72 -12.22
N CYS A 150 -17.35 -26.86 -11.28
CA CYS A 150 -17.35 -27.13 -9.86
C CYS A 150 -17.79 -25.89 -9.13
N LEU A 151 -18.60 -26.07 -8.11
CA LEU A 151 -18.95 -25.02 -7.20
C LEU A 151 -18.28 -25.31 -5.87
N VAL A 152 -17.37 -24.44 -5.47
CA VAL A 152 -16.60 -24.62 -4.24
C VAL A 152 -17.17 -23.62 -3.24
N LYS A 153 -18.17 -24.05 -2.50
CA LYS A 153 -19.04 -23.16 -1.76
C LYS A 153 -18.83 -23.28 -0.26
N ASP A 154 -18.80 -22.12 0.42
CA ASP A 154 -18.88 -21.96 1.87
C ASP A 154 -17.59 -22.30 2.62
N TYR A 155 -16.50 -21.61 2.33
CA TYR A 155 -15.25 -21.92 2.98
C TYR A 155 -14.66 -20.66 3.59
N PHE A 156 -13.82 -20.88 4.58
CA PHE A 156 -13.13 -19.77 5.16
C PHE A 156 -11.93 -20.31 5.91
N PRO A 157 -10.77 -19.66 5.83
CA PRO A 157 -10.49 -18.44 5.06
C PRO A 157 -10.11 -18.74 3.63
N GLU A 158 -9.44 -17.80 3.01
CA GLU A 158 -8.96 -18.02 1.61
C GLU A 158 -7.52 -18.50 1.72
N PRO A 159 -6.89 -19.08 0.67
CA PRO A 159 -7.53 -19.32 -0.62
C PRO A 159 -7.99 -20.75 -0.73
N VAL A 160 -8.46 -21.18 -1.90
CA VAL A 160 -8.54 -22.60 -2.22
C VAL A 160 -7.87 -22.75 -3.58
N THR A 161 -7.32 -23.91 -3.84
CA THR A 161 -6.81 -24.21 -5.16
C THR A 161 -7.69 -25.26 -5.80
N VAL A 162 -7.86 -25.16 -7.12
CA VAL A 162 -8.61 -26.13 -7.89
C VAL A 162 -7.75 -26.55 -9.07
N SER A 163 -7.50 -27.84 -9.20
CA SER A 163 -6.96 -28.39 -10.43
C SER A 163 -8.00 -29.31 -11.05
N TRP A 164 -7.81 -29.62 -12.32
CA TRP A 164 -8.68 -30.56 -13.00
C TRP A 164 -7.88 -31.79 -13.40
N ASN A 165 -8.47 -32.96 -13.14
CA ASN A 165 -7.94 -34.27 -13.49
C ASN A 165 -6.49 -34.40 -13.05
N SER A 166 -6.28 -34.17 -11.75
CA SER A 166 -4.98 -34.27 -11.11
C SER A 166 -3.95 -33.39 -11.79
N GLY A 167 -4.39 -32.31 -12.40
CA GLY A 167 -3.47 -31.38 -13.00
C GLY A 167 -3.15 -31.65 -14.45
N ALA A 168 -3.73 -32.69 -15.03
CA ALA A 168 -3.48 -33.01 -16.43
C ALA A 168 -4.36 -32.22 -17.39
N LEU A 169 -5.37 -31.53 -16.86
CA LEU A 169 -6.34 -30.79 -17.65
C LEU A 169 -6.12 -29.31 -17.35
N THR A 170 -5.52 -28.60 -18.32
CA THR A 170 -5.24 -27.18 -18.22
C THR A 170 -5.92 -26.36 -19.32
N SER A 171 -5.90 -26.85 -20.55
CA SER A 171 -6.61 -26.18 -21.64
C SER A 171 -8.08 -25.99 -21.29
N GLY A 172 -8.55 -24.75 -21.42
CA GLY A 172 -9.94 -24.42 -21.22
C GLY A 172 -10.38 -24.24 -19.78
N VAL A 173 -9.47 -24.29 -18.81
CA VAL A 173 -9.89 -24.12 -17.42
C VAL A 173 -10.02 -22.64 -17.10
N HIS A 174 -11.13 -22.28 -16.47
CA HIS A 174 -11.33 -20.96 -15.89
C HIS A 174 -11.69 -21.16 -14.44
N THR A 175 -10.83 -20.73 -13.51
CA THR A 175 -11.19 -20.69 -12.10
C THR A 175 -11.50 -19.26 -11.69
N PHE A 176 -12.69 -19.02 -11.22
CA PHE A 176 -13.09 -17.65 -11.01
C PHE A 176 -12.70 -17.16 -9.63
N PRO A 177 -12.40 -15.86 -9.50
CA PRO A 177 -12.09 -15.31 -8.18
C PRO A 177 -13.24 -15.54 -7.22
N ALA A 178 -12.90 -15.68 -5.94
CA ALA A 178 -13.94 -15.89 -4.95
C ALA A 178 -14.76 -14.63 -4.77
N VAL A 179 -15.92 -14.79 -4.18
CA VAL A 179 -16.72 -13.66 -3.71
C VAL A 179 -17.09 -14.00 -2.28
N LEU A 180 -17.34 -12.97 -1.50
CA LEU A 180 -17.76 -13.14 -0.12
C LEU A 180 -19.27 -13.11 -0.10
N GLN A 181 -19.87 -14.14 0.47
CA GLN A 181 -21.32 -14.16 0.63
C GLN A 181 -21.68 -13.48 1.95
N SER A 182 -22.98 -13.25 2.14
CA SER A 182 -23.44 -12.57 3.34
C SER A 182 -23.28 -13.38 4.61
N SER A 183 -22.89 -14.66 4.54
CA SER A 183 -22.63 -15.49 5.72
C SER A 183 -21.24 -15.29 6.29
N GLY A 184 -20.40 -14.54 5.62
CA GLY A 184 -18.99 -14.52 5.97
C GLY A 184 -18.17 -15.62 5.32
N LEU A 185 -18.75 -16.39 4.41
CA LEU A 185 -18.05 -17.46 3.74
C LEU A 185 -17.80 -17.09 2.29
N TYR A 186 -16.68 -17.54 1.79
CA TYR A 186 -16.33 -17.34 0.40
C TYR A 186 -16.95 -18.40 -0.50
N SER A 187 -17.10 -18.06 -1.76
CA SER A 187 -17.62 -19.03 -2.71
C SER A 187 -16.92 -18.80 -4.03
N LEU A 188 -16.90 -19.84 -4.85
CA LEU A 188 -15.99 -19.86 -5.98
C LEU A 188 -16.47 -20.86 -7.00
N SER A 189 -16.32 -20.52 -8.27
CA SER A 189 -16.60 -21.46 -9.34
C SER A 189 -15.32 -21.83 -10.06
N SER A 190 -15.33 -23.01 -10.66
CA SER A 190 -14.23 -23.41 -11.53
C SER A 190 -14.89 -24.13 -12.68
N VAL A 191 -14.49 -23.80 -13.91
CA VAL A 191 -15.14 -24.40 -15.07
C VAL A 191 -14.10 -24.69 -16.14
N VAL A 192 -14.40 -25.69 -16.98
CA VAL A 192 -13.64 -26.05 -18.17
C VAL A 192 -14.62 -26.34 -19.29
N THR A 193 -14.29 -25.88 -20.49
CA THR A 193 -15.02 -26.24 -21.69
C THR A 193 -14.26 -27.35 -22.37
N VAL A 194 -14.99 -28.37 -22.85
CA VAL A 194 -14.39 -29.58 -23.41
C VAL A 194 -15.19 -30.02 -24.62
N PRO A 195 -14.62 -30.88 -25.47
CA PRO A 195 -15.40 -31.44 -26.59
C PRO A 195 -16.66 -32.17 -26.12
N SER A 196 -17.79 -31.90 -26.79
CA SER A 196 -19.03 -32.64 -26.50
C SER A 196 -18.83 -34.15 -26.62
N SER A 197 -17.99 -34.55 -27.57
CA SER A 197 -17.74 -35.97 -27.80
C SER A 197 -17.08 -36.66 -26.62
N SER A 198 -16.19 -35.99 -25.89
CA SER A 198 -15.42 -36.66 -24.86
C SER A 198 -16.23 -36.96 -23.60
N LEU A 199 -17.52 -36.60 -23.55
CA LEU A 199 -18.23 -36.50 -22.28
C LEU A 199 -18.46 -37.87 -21.66
N GLY A 200 -19.02 -38.81 -22.43
CA GLY A 200 -19.17 -40.18 -21.97
C GLY A 200 -17.90 -41.02 -22.08
N THR A 201 -16.94 -40.57 -22.88
CA THR A 201 -15.68 -41.28 -23.05
C THR A 201 -14.62 -40.90 -22.02
N GLN A 202 -14.60 -39.65 -21.53
CA GLN A 202 -13.54 -39.16 -20.66
C GLN A 202 -14.10 -38.78 -19.31
N THR A 203 -13.32 -39.01 -18.25
CA THR A 203 -13.72 -38.66 -16.89
C THR A 203 -13.18 -37.30 -16.48
N TYR A 204 -14.00 -36.54 -15.76
CA TYR A 204 -13.63 -35.19 -15.34
C TYR A 204 -13.74 -35.08 -13.83
N ILE A 205 -12.60 -35.05 -13.14
CA ILE A 205 -12.53 -34.94 -11.70
C ILE A 205 -11.90 -33.61 -11.34
N CYS A 206 -12.64 -32.78 -10.60
CA CYS A 206 -12.12 -31.51 -10.12
C CYS A 206 -11.52 -31.69 -8.73
N ASN A 207 -10.28 -31.25 -8.55
CA ASN A 207 -9.53 -31.44 -7.30
C ASN A 207 -9.52 -30.12 -6.53
N VAL A 208 -10.01 -30.14 -5.31
CA VAL A 208 -10.17 -28.96 -4.49
C VAL A 208 -9.36 -29.16 -3.24
N ASN A 209 -8.43 -28.27 -2.99
CA ASN A 209 -7.54 -28.36 -1.83
C ASN A 209 -7.64 -27.03 -1.12
N HIS A 210 -8.23 -27.04 0.10
CA HIS A 210 -8.32 -25.88 0.97
C HIS A 210 -7.43 -26.14 2.18
N LYS A 211 -6.27 -25.54 2.17
CA LYS A 211 -5.20 -25.88 3.08
C LYS A 211 -5.47 -25.49 4.54
N PRO A 212 -6.12 -24.36 4.85
CA PRO A 212 -6.33 -24.04 6.28
C PRO A 212 -7.10 -25.09 7.06
N SER A 213 -8.17 -25.64 6.49
CA SER A 213 -8.95 -26.69 7.11
C SER A 213 -8.36 -28.08 6.85
N ASN A 214 -7.34 -28.16 6.02
CA ASN A 214 -6.87 -29.43 5.48
C ASN A 214 -8.02 -30.26 4.92
N THR A 215 -8.95 -29.58 4.25
CA THR A 215 -9.92 -30.26 3.41
C THR A 215 -9.27 -30.61 2.07
N LYS A 216 -9.72 -31.70 1.48
CA LYS A 216 -9.16 -32.20 0.23
C LYS A 216 -10.25 -33.05 -0.40
N VAL A 217 -10.96 -32.50 -1.36
CA VAL A 217 -12.12 -33.18 -1.93
C VAL A 217 -11.89 -33.32 -3.43
N ASP A 218 -12.29 -34.48 -3.98
CA ASP A 218 -12.19 -34.73 -5.42
C ASP A 218 -13.56 -35.18 -5.95
N LYS A 219 -14.26 -34.28 -6.62
CA LYS A 219 -15.60 -34.53 -7.14
C LYS A 219 -15.53 -34.85 -8.64
N ARG A 220 -15.94 -36.08 -8.99
CA ARG A 220 -16.21 -36.42 -10.38
C ARG A 220 -17.43 -35.64 -10.86
N VAL A 221 -17.39 -35.14 -12.08
CA VAL A 221 -18.51 -34.41 -12.66
C VAL A 221 -18.99 -35.23 -13.85
N GLU A 222 -20.09 -35.92 -13.66
CA GLU A 222 -20.52 -36.90 -14.64
C GLU A 222 -21.71 -36.37 -15.47
N PRO A 223 -21.86 -36.80 -16.74
CA PRO A 223 -23.01 -36.38 -17.57
C PRO A 223 -24.37 -36.52 -16.91
N LYS A 224 -25.40 -35.88 -17.46
CA LYS A 224 -26.72 -35.93 -16.84
C LYS A 224 -27.45 -37.24 -17.15
N ASP B 1 -6.13 20.41 -1.20
CA ASP B 1 -5.51 19.15 -1.63
C ASP B 1 -5.06 19.15 -3.09
N VAL B 2 -4.24 18.16 -3.45
CA VAL B 2 -3.78 17.98 -4.82
C VAL B 2 -4.56 16.86 -5.48
N VAL B 3 -5.28 17.19 -6.55
CA VAL B 3 -6.08 16.22 -7.28
C VAL B 3 -5.30 15.80 -8.52
N MET B 4 -5.10 14.50 -8.66
CA MET B 4 -4.41 13.94 -9.82
C MET B 4 -5.46 13.36 -10.76
N THR B 5 -5.44 13.81 -12.00
CA THR B 5 -6.29 13.25 -13.04
C THR B 5 -5.46 12.43 -13.99
N GLN B 6 -5.83 11.16 -14.16
CA GLN B 6 -5.18 10.29 -15.12
C GLN B 6 -6.06 10.13 -16.33
N SER B 7 -5.44 10.06 -17.50
CA SER B 7 -6.24 9.91 -18.66
C SER B 7 -5.42 9.16 -19.71
N PRO B 8 -6.04 8.20 -20.46
CA PRO B 8 -7.46 7.81 -20.43
C PRO B 8 -7.72 6.92 -19.25
N LEU B 9 -8.93 6.38 -19.10
CA LEU B 9 -9.20 5.39 -18.07
C LEU B 9 -8.95 3.96 -18.56
N SER B 10 -9.11 3.71 -19.84
CA SER B 10 -8.90 2.38 -20.38
C SER B 10 -8.07 2.49 -21.65
N LEU B 11 -7.17 1.55 -21.85
CA LEU B 11 -6.20 1.62 -22.93
C LEU B 11 -5.96 0.24 -23.52
N PRO B 12 -6.82 -0.22 -24.42
CA PRO B 12 -6.50 -1.43 -25.18
C PRO B 12 -5.29 -1.16 -26.06
N VAL B 13 -4.30 -2.01 -25.94
CA VAL B 13 -3.01 -1.81 -26.57
C VAL B 13 -2.65 -3.06 -27.33
N THR B 14 -2.38 -2.91 -28.63
CA THR B 14 -1.88 -4.01 -29.43
C THR B 14 -0.54 -4.52 -28.90
N LEU B 15 -0.42 -5.85 -28.85
CA LEU B 15 0.79 -6.46 -28.31
C LEU B 15 2.01 -6.00 -29.09
N GLY B 16 3.05 -5.58 -28.37
CA GLY B 16 4.29 -5.14 -28.95
C GLY B 16 4.33 -3.69 -29.39
N GLN B 17 3.25 -2.96 -29.25
CA GLN B 17 3.17 -1.57 -29.68
C GLN B 17 3.45 -0.61 -28.54
N PRO B 18 3.69 0.68 -28.85
CA PRO B 18 3.81 1.67 -27.80
C PRO B 18 2.51 1.94 -27.06
N ALA B 19 2.56 2.89 -26.15
CA ALA B 19 1.43 3.21 -25.27
C ALA B 19 1.81 4.39 -24.41
N SER B 20 0.86 5.32 -24.19
CA SER B 20 1.09 6.50 -23.38
C SER B 20 -0.09 6.74 -22.42
N ILE B 21 0.22 7.10 -21.19
CA ILE B 21 -0.76 7.43 -20.16
C ILE B 21 -0.41 8.81 -19.63
N SER B 22 -1.43 9.59 -19.27
CA SER B 22 -1.22 10.97 -18.85
C SER B 22 -1.69 11.18 -17.42
N CYS B 23 -1.00 12.11 -16.74
CA CYS B 23 -1.30 12.49 -15.37
C CYS B 23 -1.24 13.99 -15.30
N ARG B 24 -2.30 14.65 -14.81
CA ARG B 24 -2.32 16.09 -14.55
C ARG B 24 -2.58 16.35 -13.07
N SER B 25 -2.16 17.53 -12.59
CA SER B 25 -2.30 17.88 -11.18
C SER B 25 -2.98 19.22 -11.04
N SER B 26 -3.74 19.38 -9.95
CA SER B 26 -4.41 20.62 -9.66
C SER B 26 -3.49 21.71 -9.11
N GLN B 27 -2.24 21.38 -8.79
CA GLN B 27 -1.22 22.35 -8.40
C GLN B 27 0.11 21.87 -8.95
N SER B 28 1.02 22.78 -9.22
CA SER B 28 2.36 22.40 -9.64
C SER B 28 2.99 21.43 -8.65
N LEU B 29 3.81 20.53 -9.17
CA LEU B 29 4.46 19.53 -8.34
C LEU B 29 5.97 19.72 -8.27
N VAL B 30 6.47 20.88 -8.63
CA VAL B 30 7.90 21.14 -8.54
C VAL B 30 8.18 21.71 -7.14
N HIS B 31 8.97 20.98 -6.37
CA HIS B 31 9.27 21.40 -5.01
C HIS B 31 10.33 22.49 -4.98
N SER B 32 10.30 23.28 -3.89
CA SER B 32 11.35 24.25 -3.61
C SER B 32 12.74 23.66 -3.78
N ASN B 33 12.95 22.43 -3.29
CA ASN B 33 14.28 21.83 -3.37
C ASN B 33 14.71 21.47 -4.79
N GLY B 34 13.89 21.74 -5.80
CA GLY B 34 14.33 21.44 -7.14
C GLY B 34 13.70 20.21 -7.76
N ASN B 35 13.48 19.15 -6.97
CA ASN B 35 12.90 17.96 -7.55
C ASN B 35 11.40 18.12 -7.78
N THR B 36 10.88 17.28 -8.67
CA THR B 36 9.46 17.08 -8.85
C THR B 36 9.12 15.68 -8.34
N TYR B 37 8.23 15.62 -7.36
CA TYR B 37 7.97 14.37 -6.64
C TYR B 37 6.70 13.70 -7.17
N LEU B 38 6.78 13.32 -8.45
CA LEU B 38 5.80 12.51 -9.14
C LEU B 38 6.28 11.08 -9.29
N HIS B 39 5.37 10.10 -9.20
CA HIS B 39 5.77 8.70 -9.31
C HIS B 39 4.68 7.84 -9.95
N TRP B 40 5.10 6.78 -10.62
CA TRP B 40 4.19 5.80 -11.20
C TRP B 40 4.33 4.44 -10.54
N PHE B 41 3.21 3.73 -10.43
CA PHE B 41 3.13 2.38 -9.88
C PHE B 41 2.28 1.49 -10.78
N GLN B 42 2.63 0.21 -10.84
CA GLN B 42 1.81 -0.79 -11.52
C GLN B 42 1.11 -1.67 -10.50
N GLN B 43 -0.17 -1.92 -10.71
CA GLN B 43 -0.89 -2.93 -9.94
C GLN B 43 -1.32 -4.07 -10.86
N ARG B 44 -0.64 -5.22 -10.73
CA ARG B 44 -1.09 -6.45 -11.38
C ARG B 44 -2.44 -6.88 -10.81
N PRO B 45 -3.27 -7.51 -11.62
CA PRO B 45 -4.68 -7.75 -11.23
C PRO B 45 -4.87 -8.45 -9.89
N GLY B 46 -5.49 -7.76 -8.92
CA GLY B 46 -5.73 -8.29 -7.59
C GLY B 46 -4.52 -8.44 -6.70
N GLN B 47 -3.31 -8.37 -7.26
CA GLN B 47 -2.07 -8.37 -6.49
C GLN B 47 -1.96 -7.03 -5.75
N SER B 48 -0.80 -6.76 -5.14
CA SER B 48 -0.56 -5.49 -4.49
C SER B 48 0.22 -4.57 -5.41
N PRO B 49 0.42 -3.31 -5.01
CA PRO B 49 1.24 -2.41 -5.85
C PRO B 49 2.65 -2.94 -6.07
N ARG B 50 3.28 -2.36 -7.09
CA ARG B 50 4.60 -2.72 -7.54
C ARG B 50 5.23 -1.45 -8.08
N ARG B 51 6.39 -1.12 -7.56
CA ARG B 51 7.07 0.11 -7.90
C ARG B 51 7.32 0.23 -9.39
N LEU B 52 7.59 1.44 -9.85
CA LEU B 52 7.87 1.61 -11.27
C LEU B 52 8.80 2.80 -11.52
N ILE B 53 8.26 4.01 -11.53
CA ILE B 53 9.07 5.21 -11.71
C ILE B 53 8.92 6.10 -10.49
N TYR B 54 10.02 6.81 -10.14
CA TYR B 54 10.00 7.82 -9.10
C TYR B 54 10.66 9.09 -9.59
N LYS B 55 10.21 10.21 -9.02
CA LYS B 55 10.68 11.54 -9.37
C LYS B 55 10.67 11.70 -10.89
N VAL B 56 9.46 11.58 -11.46
CA VAL B 56 9.18 11.75 -12.88
C VAL B 56 9.83 10.68 -13.78
N SER B 57 11.13 10.39 -13.62
CA SER B 57 11.79 9.61 -14.67
C SER B 57 12.66 8.42 -14.25
N ASN B 58 13.14 8.37 -13.01
CA ASN B 58 14.07 7.31 -12.63
C ASN B 58 13.31 6.03 -12.31
N ARG B 59 13.87 4.87 -12.70
CA ARG B 59 13.24 3.57 -12.46
C ARG B 59 13.90 2.84 -11.30
N PHE B 60 13.06 2.23 -10.46
CA PHE B 60 13.51 1.37 -9.37
C PHE B 60 14.31 0.16 -9.87
N SER B 61 14.87 -0.60 -8.94
CA SER B 61 15.64 -1.76 -9.35
C SER B 61 14.73 -2.73 -10.09
N GLY B 62 15.32 -3.53 -10.97
CA GLY B 62 14.56 -4.58 -11.64
C GLY B 62 13.36 -4.10 -12.44
N VAL B 63 13.46 -2.94 -13.07
CA VAL B 63 12.36 -2.34 -13.80
C VAL B 63 12.75 -2.21 -15.27
N PRO B 64 12.04 -2.89 -16.15
CA PRO B 64 12.40 -2.89 -17.57
C PRO B 64 12.48 -1.47 -18.12
N ASP B 65 13.42 -1.28 -19.03
CA ASP B 65 13.64 0.02 -19.64
C ASP B 65 12.56 0.40 -20.65
N ARG B 66 11.69 -0.55 -21.02
CA ARG B 66 10.54 -0.17 -21.83
C ARG B 66 9.71 0.89 -21.11
N PHE B 67 9.60 0.79 -19.79
CA PHE B 67 8.96 1.84 -19.00
C PHE B 67 9.83 3.09 -18.95
N SER B 68 9.18 4.25 -18.97
CA SER B 68 9.84 5.52 -19.17
C SER B 68 8.84 6.63 -18.86
N GLY B 69 9.31 7.67 -18.17
CA GLY B 69 8.45 8.75 -17.76
C GLY B 69 9.07 10.11 -18.05
N SER B 70 8.22 11.13 -18.03
CA SER B 70 8.56 12.45 -18.54
C SER B 70 7.50 13.44 -18.07
N GLY B 71 7.72 14.71 -18.41
CA GLY B 71 6.81 15.79 -18.07
C GLY B 71 7.48 16.85 -17.21
N SER B 72 6.68 17.79 -16.75
CA SER B 72 7.21 18.93 -16.01
C SER B 72 6.07 19.71 -15.40
N GLY B 73 6.25 20.14 -14.16
CA GLY B 73 5.32 21.05 -13.53
C GLY B 73 3.99 20.46 -13.09
N THR B 74 3.10 20.23 -14.06
CA THR B 74 1.73 19.87 -13.70
C THR B 74 1.07 18.92 -14.69
N ASP B 75 1.79 18.46 -15.71
CA ASP B 75 1.28 17.49 -16.69
C ASP B 75 2.41 16.51 -16.99
N PHE B 76 2.18 15.22 -16.70
CA PHE B 76 3.21 14.19 -16.80
C PHE B 76 2.72 13.03 -17.64
N THR B 77 3.68 12.27 -18.17
CA THR B 77 3.42 11.18 -19.11
C THR B 77 4.28 9.99 -18.82
N LEU B 78 3.67 8.80 -18.81
CA LEU B 78 4.37 7.53 -18.72
C LEU B 78 4.22 6.79 -20.06
N LYS B 79 5.27 6.05 -20.44
CA LYS B 79 5.29 5.44 -21.77
C LYS B 79 5.94 4.07 -21.74
N ILE B 80 5.19 3.07 -22.16
CA ILE B 80 5.68 1.72 -22.38
C ILE B 80 5.99 1.59 -23.85
N SER B 81 7.27 1.43 -24.19
CA SER B 81 7.69 1.42 -25.59
C SER B 81 7.12 0.21 -26.35
N ARG B 82 7.16 -0.99 -25.76
CA ARG B 82 6.54 -2.20 -26.32
C ARG B 82 5.83 -2.97 -25.23
N VAL B 83 4.56 -3.31 -25.47
CA VAL B 83 3.67 -3.76 -24.41
C VAL B 83 3.58 -5.29 -24.42
N GLU B 84 4.24 -5.92 -23.45
CA GLU B 84 4.18 -7.36 -23.24
C GLU B 84 2.93 -7.72 -22.44
N ALA B 85 2.52 -8.99 -22.53
CA ALA B 85 1.29 -9.37 -21.86
C ALA B 85 1.42 -9.23 -20.35
N GLU B 86 2.64 -9.17 -19.84
CA GLU B 86 2.87 -9.00 -18.41
C GLU B 86 2.65 -7.56 -17.96
N ASP B 87 2.44 -6.65 -18.89
CA ASP B 87 2.25 -5.25 -18.58
C ASP B 87 0.79 -4.88 -18.49
N VAL B 88 -0.11 -5.79 -18.83
CA VAL B 88 -1.52 -5.60 -18.53
C VAL B 88 -1.62 -5.14 -17.09
N GLY B 89 -2.57 -4.27 -16.80
CA GLY B 89 -2.81 -3.90 -15.42
C GLY B 89 -3.30 -2.48 -15.33
N VAL B 90 -3.42 -2.01 -14.09
CA VAL B 90 -3.75 -0.63 -13.81
C VAL B 90 -2.48 0.08 -13.41
N TYR B 91 -2.26 1.26 -13.98
CA TYR B 91 -1.12 2.10 -13.65
C TYR B 91 -1.63 3.32 -12.89
N TYR B 92 -0.98 3.60 -11.77
CA TYR B 92 -1.33 4.73 -10.92
C TYR B 92 -0.17 5.72 -10.91
N CYS B 93 -0.49 7.00 -10.93
CA CYS B 93 0.48 8.05 -10.65
C CYS B 93 0.21 8.59 -9.25
N SER B 94 1.27 9.09 -8.63
CA SER B 94 1.17 9.64 -7.29
C SER B 94 2.06 10.87 -7.20
N GLN B 95 1.81 11.71 -6.21
CA GLN B 95 2.65 12.86 -5.93
C GLN B 95 2.99 12.87 -4.46
N SER B 96 4.14 13.43 -4.12
CA SER B 96 4.40 13.55 -2.69
C SER B 96 5.00 14.90 -2.33
N THR B 97 4.92 15.87 -3.24
CA THR B 97 5.28 17.24 -2.88
C THR B 97 4.44 17.77 -1.72
N HIS B 98 3.12 17.65 -1.81
CA HIS B 98 2.20 18.32 -0.87
C HIS B 98 1.53 17.29 0.03
N VAL B 99 1.85 17.32 1.31
CA VAL B 99 1.06 16.48 2.21
C VAL B 99 -0.40 16.91 2.16
N PRO B 100 -1.37 15.98 2.11
CA PRO B 100 -1.20 14.52 2.10
C PRO B 100 -0.76 14.00 0.73
N TYR B 101 -0.08 12.88 0.67
CA TYR B 101 0.26 12.28 -0.61
C TYR B 101 -1.02 11.78 -1.27
N THR B 102 -1.14 11.97 -2.57
CA THR B 102 -2.36 11.65 -3.30
C THR B 102 -2.06 10.95 -4.60
N PHE B 103 -2.96 10.05 -5.01
CA PHE B 103 -2.82 9.23 -6.19
C PHE B 103 -3.91 9.58 -7.19
N GLY B 104 -3.62 9.41 -8.48
CA GLY B 104 -4.62 9.54 -9.51
C GLY B 104 -5.56 8.35 -9.53
N GLY B 105 -6.56 8.43 -10.40
CA GLY B 105 -7.58 7.41 -10.37
C GLY B 105 -7.29 6.12 -11.10
N GLY B 106 -6.11 6.01 -11.74
CA GLY B 106 -5.67 4.81 -12.41
C GLY B 106 -5.99 4.79 -13.91
N THR B 107 -5.18 4.06 -14.65
CA THR B 107 -5.52 3.69 -16.01
C THR B 107 -5.37 2.18 -16.19
N LYS B 108 -6.37 1.56 -16.81
CA LYS B 108 -6.39 0.13 -17.09
C LYS B 108 -5.74 -0.07 -18.45
N VAL B 109 -4.69 -0.88 -18.49
CA VAL B 109 -4.07 -1.30 -19.74
C VAL B 109 -4.42 -2.75 -19.99
N GLU B 110 -5.03 -3.04 -21.15
CA GLU B 110 -5.32 -4.41 -21.57
C GLU B 110 -4.88 -4.63 -23.01
N ILE B 111 -4.54 -5.88 -23.34
CA ILE B 111 -4.24 -6.17 -24.74
C ILE B 111 -5.48 -5.94 -25.58
N LYS B 112 -5.30 -5.40 -26.77
CA LYS B 112 -6.45 -5.23 -27.63
C LYS B 112 -6.62 -6.48 -28.48
N ARG B 113 -7.86 -6.69 -28.92
CA ARG B 113 -8.15 -7.75 -29.87
C ARG B 113 -9.51 -7.45 -30.51
N THR B 114 -9.89 -8.30 -31.44
CA THR B 114 -11.18 -8.16 -32.09
C THR B 114 -12.26 -8.63 -31.13
N VAL B 115 -13.46 -8.07 -31.32
CA VAL B 115 -14.55 -8.39 -30.41
C VAL B 115 -14.88 -9.87 -30.49
N ALA B 116 -15.20 -10.46 -29.33
CA ALA B 116 -15.62 -11.84 -29.21
C ALA B 116 -16.87 -11.87 -28.33
N ALA B 117 -17.96 -12.43 -28.86
CA ALA B 117 -19.17 -12.60 -28.05
C ALA B 117 -19.00 -13.79 -27.09
N PRO B 118 -19.73 -13.77 -25.98
CA PRO B 118 -19.58 -14.84 -24.98
C PRO B 118 -20.33 -16.12 -25.33
N SER B 119 -19.83 -17.24 -24.83
CA SER B 119 -20.58 -18.47 -24.83
C SER B 119 -21.34 -18.59 -23.51
N VAL B 120 -22.63 -18.78 -23.56
CA VAL B 120 -23.49 -18.80 -22.37
C VAL B 120 -23.82 -20.24 -21.97
N PHE B 121 -23.85 -20.50 -20.68
CA PHE B 121 -24.32 -21.76 -20.15
C PHE B 121 -24.97 -21.50 -18.79
N ILE B 122 -26.09 -22.14 -18.53
CA ILE B 122 -26.69 -22.10 -17.21
C ILE B 122 -26.48 -23.46 -16.56
N PHE B 123 -26.42 -23.48 -15.23
CA PHE B 123 -26.24 -24.70 -14.46
C PHE B 123 -27.24 -24.69 -13.32
N PRO B 124 -28.26 -25.53 -13.37
CA PRO B 124 -29.18 -25.61 -12.25
C PRO B 124 -28.47 -26.10 -11.01
N PRO B 125 -29.10 -25.98 -9.84
CA PRO B 125 -28.49 -26.55 -8.64
C PRO B 125 -28.22 -28.04 -8.81
N SER B 126 -27.16 -28.51 -8.16
CA SER B 126 -26.93 -29.94 -8.12
C SER B 126 -27.82 -30.54 -7.03
N ASP B 127 -28.32 -31.74 -7.31
CA ASP B 127 -29.08 -32.52 -6.32
C ASP B 127 -28.42 -32.47 -4.95
N GLU B 128 -27.12 -32.70 -4.93
CA GLU B 128 -26.34 -32.69 -3.69
C GLU B 128 -26.52 -31.38 -2.93
N GLN B 129 -26.40 -30.23 -3.62
CA GLN B 129 -26.60 -28.96 -2.93
C GLN B 129 -28.02 -28.86 -2.40
N LEU B 130 -29.00 -29.26 -3.23
CA LEU B 130 -30.40 -29.19 -2.85
C LEU B 130 -30.67 -30.00 -1.59
N LYS B 131 -29.90 -31.06 -1.36
CA LYS B 131 -29.97 -31.74 -0.07
C LYS B 131 -29.55 -30.80 1.05
N SER B 132 -28.40 -30.15 0.91
CA SER B 132 -27.91 -29.22 1.94
C SER B 132 -28.91 -28.13 2.33
N GLY B 133 -29.95 -27.87 1.52
CA GLY B 133 -30.97 -26.91 1.87
C GLY B 133 -30.83 -25.54 1.26
N THR B 134 -29.87 -25.34 0.34
CA THR B 134 -29.68 -24.09 -0.38
C THR B 134 -29.60 -24.40 -1.87
N ALA B 135 -29.78 -23.38 -2.71
CA ALA B 135 -29.84 -23.58 -4.16
C ALA B 135 -29.07 -22.50 -4.89
N SER B 136 -28.05 -22.90 -5.64
CA SER B 136 -27.24 -21.97 -6.40
C SER B 136 -27.47 -22.26 -7.86
N VAL B 137 -27.74 -21.21 -8.64
CA VAL B 137 -27.88 -21.31 -10.08
C VAL B 137 -26.75 -20.49 -10.69
N VAL B 138 -25.99 -21.09 -11.59
CA VAL B 138 -24.77 -20.48 -12.07
C VAL B 138 -24.84 -20.29 -13.58
N CYS B 139 -24.34 -19.15 -14.03
CA CYS B 139 -24.39 -18.78 -15.44
C CYS B 139 -22.98 -18.43 -15.90
N LEU B 140 -22.48 -19.14 -16.89
CA LEU B 140 -21.13 -18.94 -17.39
C LEU B 140 -21.19 -18.24 -18.73
N LEU B 141 -20.57 -17.06 -18.78
CA LEU B 141 -20.36 -16.34 -20.04
C LEU B 141 -18.89 -16.61 -20.32
N ASN B 142 -18.55 -17.33 -21.39
CA ASN B 142 -17.14 -17.74 -21.56
C ASN B 142 -16.44 -17.02 -22.71
N ASN B 143 -15.14 -16.80 -22.57
CA ASN B 143 -14.30 -16.19 -23.64
C ASN B 143 -15.01 -15.04 -24.37
N PHE B 144 -14.98 -13.85 -23.78
CA PHE B 144 -15.64 -12.66 -24.38
C PHE B 144 -14.73 -11.43 -24.30
N TYR B 145 -14.88 -10.51 -25.24
CA TYR B 145 -14.10 -9.26 -25.26
C TYR B 145 -14.80 -8.30 -26.19
N PRO B 146 -15.13 -7.04 -25.82
CA PRO B 146 -14.55 -6.34 -24.65
C PRO B 146 -15.07 -6.81 -23.33
N ARG B 147 -14.46 -6.38 -22.23
CA ARG B 147 -14.79 -6.90 -20.90
C ARG B 147 -16.20 -6.59 -20.48
N GLU B 148 -16.93 -5.81 -21.26
CA GLU B 148 -18.16 -5.20 -20.79
C GLU B 148 -19.35 -6.06 -21.18
N ALA B 149 -19.95 -6.72 -20.17
CA ALA B 149 -21.12 -7.56 -20.35
C ALA B 149 -22.12 -7.31 -19.22
N LYS B 150 -23.38 -7.61 -19.50
CA LYS B 150 -24.46 -7.51 -18.51
C LYS B 150 -25.14 -8.88 -18.37
N VAL B 151 -25.44 -9.28 -17.14
CA VAL B 151 -26.12 -10.54 -16.84
C VAL B 151 -27.37 -10.25 -16.02
N GLN B 152 -28.49 -10.86 -16.42
CA GLN B 152 -29.79 -10.58 -15.85
C GLN B 152 -30.46 -11.87 -15.46
N TRP B 153 -30.86 -11.98 -14.21
CA TRP B 153 -31.58 -13.15 -13.74
C TRP B 153 -33.09 -12.90 -13.79
N LYS B 154 -33.84 -13.90 -14.25
CA LYS B 154 -35.29 -13.86 -14.27
C LYS B 154 -35.83 -15.16 -13.69
N VAL B 155 -36.69 -15.06 -12.70
CA VAL B 155 -37.32 -16.23 -12.12
C VAL B 155 -38.80 -16.15 -12.44
N ASP B 156 -39.26 -17.04 -13.31
CA ASP B 156 -40.63 -16.99 -13.81
C ASP B 156 -40.92 -15.60 -14.39
N ASN B 157 -40.02 -15.17 -15.28
CA ASN B 157 -40.13 -13.91 -15.99
C ASN B 157 -40.13 -12.73 -15.06
N ALA B 158 -39.63 -12.93 -13.84
CA ALA B 158 -39.53 -11.87 -12.86
C ALA B 158 -38.06 -11.52 -12.68
N LEU B 159 -37.72 -10.29 -13.01
CA LEU B 159 -36.37 -9.79 -12.82
C LEU B 159 -35.95 -9.87 -11.36
N GLN B 160 -34.84 -10.53 -11.10
CA GLN B 160 -34.29 -10.63 -9.76
C GLN B 160 -33.30 -9.51 -9.52
N SER B 161 -33.06 -9.23 -8.24
CA SER B 161 -32.24 -8.08 -7.88
C SER B 161 -31.71 -8.27 -6.47
N GLY B 162 -30.39 -8.21 -6.30
CA GLY B 162 -29.79 -8.28 -4.98
C GLY B 162 -29.51 -9.69 -4.50
N ASN B 163 -29.84 -10.71 -5.29
CA ASN B 163 -29.64 -12.10 -4.88
C ASN B 163 -28.55 -12.79 -5.68
N SER B 164 -27.68 -12.03 -6.35
CA SER B 164 -26.78 -12.64 -7.31
C SER B 164 -25.42 -11.92 -7.31
N GLN B 165 -24.34 -12.71 -7.36
CA GLN B 165 -22.99 -12.18 -7.35
C GLN B 165 -22.26 -12.64 -8.59
N GLU B 166 -21.38 -11.80 -9.11
CA GLU B 166 -20.53 -12.19 -10.21
C GLU B 166 -19.07 -11.98 -9.87
N SER B 167 -18.23 -12.44 -10.80
CA SER B 167 -16.79 -12.50 -10.66
C SER B 167 -16.24 -12.73 -12.05
N VAL B 168 -15.13 -12.06 -12.38
CA VAL B 168 -14.55 -12.09 -13.73
C VAL B 168 -13.08 -12.49 -13.68
N THR B 169 -12.63 -13.23 -14.69
CA THR B 169 -11.25 -13.64 -14.76
C THR B 169 -10.38 -12.53 -15.30
N GLU B 170 -9.08 -12.73 -15.17
CA GLU B 170 -8.16 -11.82 -15.80
C GLU B 170 -8.14 -12.06 -17.30
N GLN B 171 -7.72 -11.03 -18.04
CA GLN B 171 -7.57 -11.20 -19.48
C GLN B 171 -6.66 -12.40 -19.75
N ASP B 172 -6.98 -13.15 -20.80
CA ASP B 172 -6.31 -14.43 -21.03
C ASP B 172 -4.95 -14.21 -21.68
N SER B 173 -3.93 -14.87 -21.16
CA SER B 173 -2.58 -14.60 -21.64
C SER B 173 -2.39 -15.03 -23.09
N LYS B 174 -3.25 -15.91 -23.60
CA LYS B 174 -3.06 -16.51 -24.92
C LYS B 174 -4.04 -15.99 -25.96
N ASP B 175 -5.31 -15.77 -25.59
CA ASP B 175 -6.29 -15.27 -26.55
C ASP B 175 -6.92 -13.94 -26.16
N SER B 176 -6.60 -13.41 -24.98
CA SER B 176 -6.90 -12.01 -24.61
C SER B 176 -8.38 -11.77 -24.37
N THR B 177 -9.10 -12.75 -23.84
CA THR B 177 -10.53 -12.61 -23.57
C THR B 177 -10.79 -12.69 -22.08
N TYR B 178 -12.05 -12.48 -21.73
CA TYR B 178 -12.50 -12.51 -20.35
C TYR B 178 -13.59 -13.56 -20.21
N SER B 179 -13.80 -14.00 -18.97
CA SER B 179 -14.89 -14.90 -18.65
C SER B 179 -15.54 -14.45 -17.36
N LEU B 180 -16.85 -14.66 -17.25
CA LEU B 180 -17.57 -14.20 -16.08
C LEU B 180 -18.50 -15.30 -15.57
N SER B 181 -18.78 -15.27 -14.27
CA SER B 181 -19.67 -16.25 -13.67
C SER B 181 -20.61 -15.53 -12.73
N SER B 182 -21.89 -15.50 -13.08
CA SER B 182 -22.90 -14.99 -12.17
C SER B 182 -23.55 -16.15 -11.42
N THR B 183 -23.90 -15.90 -10.16
CA THR B 183 -24.43 -16.94 -9.27
C THR B 183 -25.68 -16.47 -8.56
N LEU B 184 -26.82 -16.97 -9.03
CA LEU B 184 -28.08 -16.77 -8.32
C LEU B 184 -28.15 -17.70 -7.11
N THR B 185 -28.64 -17.16 -6.01
CA THR B 185 -28.65 -17.88 -4.73
C THR B 185 -30.04 -17.73 -4.14
N LEU B 186 -30.69 -18.87 -3.88
CA LEU B 186 -32.01 -18.88 -3.26
C LEU B 186 -32.09 -20.04 -2.28
N SER B 187 -32.87 -19.83 -1.22
CA SER B 187 -33.26 -20.93 -0.35
C SER B 187 -33.88 -22.05 -1.16
N LYS B 188 -33.71 -23.29 -0.67
CA LYS B 188 -34.31 -24.44 -1.33
C LYS B 188 -35.80 -24.22 -1.55
N ALA B 189 -36.52 -23.83 -0.49
CA ALA B 189 -37.96 -23.57 -0.57
C ALA B 189 -38.29 -22.62 -1.71
N ASP B 190 -37.65 -21.45 -1.72
CA ASP B 190 -37.87 -20.45 -2.75
C ASP B 190 -37.52 -20.97 -4.12
N TYR B 191 -36.51 -21.83 -4.21
CA TYR B 191 -36.21 -22.46 -5.49
C TYR B 191 -37.37 -23.32 -5.95
N GLU B 192 -38.09 -23.95 -5.02
CA GLU B 192 -39.14 -24.88 -5.42
C GLU B 192 -40.41 -24.17 -5.84
N LYS B 193 -40.68 -22.99 -5.30
CA LYS B 193 -41.89 -22.28 -5.69
C LYS B 193 -41.85 -21.76 -7.12
N HIS B 194 -40.76 -21.93 -7.87
CA HIS B 194 -40.69 -21.35 -9.19
C HIS B 194 -40.19 -22.38 -10.19
N LYS B 195 -40.72 -22.31 -11.40
CA LYS B 195 -40.36 -23.29 -12.40
C LYS B 195 -39.23 -22.83 -13.29
N VAL B 196 -39.31 -21.61 -13.87
CA VAL B 196 -38.43 -21.23 -14.98
C VAL B 196 -37.34 -20.31 -14.48
N TYR B 197 -36.11 -20.65 -14.82
CA TYR B 197 -34.92 -19.92 -14.43
C TYR B 197 -34.18 -19.59 -15.71
N ALA B 198 -33.95 -18.30 -15.92
CA ALA B 198 -33.32 -17.83 -17.13
C ALA B 198 -32.19 -16.88 -16.79
N CYS B 199 -31.15 -16.92 -17.60
CA CYS B 199 -29.98 -16.07 -17.48
C CYS B 199 -29.92 -15.29 -18.79
N GLU B 200 -29.96 -13.95 -18.71
CA GLU B 200 -30.01 -13.11 -19.91
C GLU B 200 -28.79 -12.20 -20.01
N VAL B 201 -28.12 -12.21 -21.17
CA VAL B 201 -26.76 -11.69 -21.34
C VAL B 201 -26.73 -10.65 -22.46
N THR B 202 -26.07 -9.51 -22.19
CA THR B 202 -25.93 -8.38 -23.10
C THR B 202 -24.46 -8.02 -23.23
N HIS B 203 -23.98 -7.90 -24.46
CA HIS B 203 -22.57 -7.64 -24.70
C HIS B 203 -22.38 -7.37 -26.19
N GLN B 204 -21.50 -6.43 -26.49
CA GLN B 204 -21.31 -5.89 -27.83
C GLN B 204 -21.35 -6.93 -28.96
N GLY B 205 -20.54 -7.99 -28.84
CA GLY B 205 -20.47 -8.96 -29.92
C GLY B 205 -21.71 -9.80 -30.14
N LEU B 206 -22.79 -9.59 -29.38
CA LEU B 206 -24.07 -10.25 -29.62
C LEU B 206 -25.04 -9.24 -30.21
N SER B 207 -25.72 -9.62 -31.30
CA SER B 207 -26.54 -8.64 -32.02
C SER B 207 -27.88 -8.38 -31.34
N SER B 208 -28.35 -9.29 -30.49
CA SER B 208 -29.52 -9.09 -29.64
C SER B 208 -29.28 -9.87 -28.35
N PRO B 209 -29.91 -9.46 -27.24
CA PRO B 209 -29.65 -10.14 -25.97
C PRO B 209 -29.94 -11.64 -26.04
N VAL B 210 -29.02 -12.44 -25.50
CA VAL B 210 -29.11 -13.90 -25.50
C VAL B 210 -29.69 -14.34 -24.17
N THR B 211 -30.57 -15.33 -24.19
CA THR B 211 -31.08 -15.95 -22.98
C THR B 211 -30.80 -17.44 -23.04
N LYS B 212 -30.29 -17.98 -21.94
CA LYS B 212 -30.23 -19.42 -21.70
C LYS B 212 -31.07 -19.66 -20.46
N SER B 213 -31.95 -20.65 -20.50
CA SER B 213 -32.87 -20.89 -19.40
C SER B 213 -33.13 -22.38 -19.25
N PHE B 214 -33.81 -22.72 -18.18
CA PHE B 214 -34.18 -24.10 -17.93
C PHE B 214 -35.41 -24.12 -17.04
N ASN B 215 -36.04 -25.29 -17.00
CA ASN B 215 -37.21 -25.56 -16.18
C ASN B 215 -36.83 -26.51 -15.08
N ARG B 216 -37.33 -26.25 -13.87
CA ARG B 216 -37.04 -27.12 -12.74
C ARG B 216 -37.37 -28.56 -13.08
N GLY B 217 -36.41 -29.45 -12.80
CA GLY B 217 -36.58 -30.89 -12.96
C GLY B 217 -36.74 -31.40 -14.38
N GLU B 218 -35.88 -30.94 -15.29
CA GLU B 218 -36.06 -31.28 -16.71
C GLU B 218 -34.72 -31.64 -17.35
N CYS B 219 -33.85 -30.64 -17.56
CA CYS B 219 -32.54 -30.87 -18.18
C CYS B 219 -31.71 -31.89 -17.40
N ALA C 4 35.75 36.53 20.21
CA ALA C 4 36.97 35.88 19.74
C ALA C 4 36.70 35.03 18.47
N ALA C 5 37.73 34.87 17.61
CA ALA C 5 37.63 34.02 16.42
C ALA C 5 37.85 32.54 16.72
N SER C 6 38.41 32.22 17.90
CA SER C 6 38.33 30.87 18.40
C SER C 6 36.88 30.42 18.43
N ILE C 7 35.98 31.34 18.77
CA ILE C 7 34.54 31.07 18.81
C ILE C 7 34.08 30.69 17.41
N GLN C 8 34.12 31.67 16.48
CA GLN C 8 33.44 31.49 15.21
C GLN C 8 34.00 30.29 14.45
N THR C 9 35.31 30.09 14.47
CA THR C 9 35.86 28.98 13.69
C THR C 9 35.62 27.65 14.38
N THR C 10 35.46 27.65 15.70
CA THR C 10 35.09 26.42 16.39
C THR C 10 33.62 26.04 16.18
N VAL C 11 32.70 27.02 16.16
CA VAL C 11 31.32 26.62 15.89
C VAL C 11 31.15 26.19 14.44
N ASN C 12 31.92 26.80 13.51
CA ASN C 12 31.92 26.34 12.13
C ASN C 12 32.43 24.91 12.03
N THR C 13 33.47 24.58 12.80
CA THR C 13 33.97 23.22 12.80
C THR C 13 32.93 22.26 13.34
N LEU C 14 32.26 22.64 14.42
CA LEU C 14 31.34 21.70 15.05
C LEU C 14 30.02 21.59 14.29
N SER C 15 29.57 22.70 13.69
CA SER C 15 28.40 22.66 12.82
C SER C 15 28.65 21.84 11.56
N GLU C 16 29.91 21.66 11.18
CA GLU C 16 30.17 20.79 10.03
C GLU C 16 30.49 19.36 10.42
N ARG C 17 30.95 19.13 11.64
CA ARG C 17 31.12 17.77 12.12
C ARG C 17 29.76 17.10 12.33
N ILE C 18 28.85 17.79 13.02
CA ILE C 18 27.45 17.45 13.12
C ILE C 18 26.94 17.04 11.74
N SER C 19 27.00 17.97 10.78
CA SER C 19 26.41 17.69 9.47
C SER C 19 26.98 16.42 8.86
N SER C 20 28.31 16.30 8.85
CA SER C 20 28.93 15.14 8.22
C SER C 20 28.50 13.86 8.91
N LYS C 21 28.59 13.86 10.24
CA LYS C 21 28.29 12.62 11.00
C LYS C 21 26.80 12.22 10.82
N LEU C 22 25.89 13.19 10.79
CA LEU C 22 24.48 12.84 10.56
C LEU C 22 24.29 12.19 9.21
N GLU C 23 24.84 12.80 8.16
CA GLU C 23 24.81 12.15 6.86
C GLU C 23 25.38 10.75 6.94
N GLN C 24 26.60 10.60 7.46
CA GLN C 24 27.25 9.30 7.47
C GLN C 24 26.54 8.32 8.41
N GLU C 25 26.46 8.64 9.69
CA GLU C 25 25.97 7.69 10.69
C GLU C 25 24.45 7.56 10.73
N ALA C 26 23.70 8.56 10.30
CA ALA C 26 22.25 8.51 10.38
C ALA C 26 21.59 8.57 9.01
N ASN C 27 22.37 8.47 7.93
CA ASN C 27 21.84 8.54 6.58
C ASN C 27 21.00 9.80 6.40
N ALA C 28 21.53 10.93 6.85
CA ALA C 28 20.81 12.17 6.71
C ALA C 28 21.01 12.74 5.32
N SER C 29 20.22 13.75 4.99
CA SER C 29 20.35 14.44 3.73
C SER C 29 19.60 15.76 3.87
N ALA C 30 19.95 16.72 3.04
CA ALA C 30 19.13 17.91 3.04
C ALA C 30 17.89 17.76 2.19
N GLN C 31 17.72 16.62 1.52
CA GLN C 31 16.53 16.33 0.75
C GLN C 31 15.60 15.36 1.48
N THR C 32 15.66 15.33 2.82
CA THR C 32 14.91 14.38 3.61
C THR C 32 13.80 15.12 4.35
N LYS C 33 12.54 14.76 4.06
CA LYS C 33 11.34 15.40 4.63
C LYS C 33 11.33 15.29 6.14
N CYS C 34 11.50 16.43 6.82
CA CYS C 34 11.66 16.42 8.26
C CYS C 34 10.39 16.03 8.99
N ASP C 35 10.54 15.26 10.05
CA ASP C 35 9.42 15.06 10.96
C ASP C 35 9.16 16.33 11.77
N ILE C 36 10.16 16.80 12.50
CA ILE C 36 10.06 18.04 13.24
C ILE C 36 10.76 19.16 12.50
N GLU C 37 10.23 20.35 12.65
CA GLU C 37 10.61 21.53 11.91
C GLU C 37 10.94 22.62 12.92
N ILE C 38 12.06 23.30 12.74
CA ILE C 38 12.32 24.46 13.61
C ILE C 38 11.48 25.62 13.11
N GLY C 39 10.57 26.09 13.98
CA GLY C 39 9.64 27.15 13.66
C GLY C 39 10.25 28.51 13.92
N ASN C 40 10.04 29.05 15.11
CA ASN C 40 10.63 30.35 15.44
C ASN C 40 11.94 30.17 16.18
N PHE C 41 12.78 31.17 16.07
CA PHE C 41 14.09 31.16 16.68
C PHE C 41 14.29 32.51 17.35
N TYR C 42 14.47 32.53 18.66
CA TYR C 42 14.28 33.76 19.45
C TYR C 42 15.43 33.93 20.43
N ILE C 43 16.14 35.05 20.33
CA ILE C 43 17.18 35.42 21.28
C ILE C 43 16.62 36.51 22.16
N ARG C 44 16.44 36.24 23.46
CA ARG C 44 15.96 37.29 24.34
C ARG C 44 16.87 38.52 24.25
N GLN C 45 18.10 38.43 24.75
CA GLN C 45 19.02 39.56 24.72
C GLN C 45 20.04 39.30 23.62
N ASN C 46 19.83 39.93 22.47
CA ASN C 46 20.67 39.72 21.29
C ASN C 46 21.63 40.88 21.11
N HIS C 47 22.90 40.64 21.40
CA HIS C 47 23.91 41.66 21.23
C HIS C 47 24.81 41.32 20.04
N GLY C 48 24.19 41.02 18.90
CA GLY C 48 24.93 40.79 17.67
C GLY C 48 25.19 39.35 17.28
N CYS C 49 24.14 38.51 17.21
CA CYS C 49 24.23 37.13 16.72
C CYS C 49 23.13 36.88 15.69
N ASN C 50 23.46 36.08 14.69
CA ASN C 50 22.45 35.55 13.77
C ASN C 50 22.39 34.04 13.95
N ILE C 51 21.20 33.53 14.20
CA ILE C 51 20.97 32.10 14.20
C ILE C 51 20.23 31.74 12.93
N THR C 52 20.76 30.78 12.20
CA THR C 52 20.06 30.26 11.06
C THR C 52 19.92 28.77 11.26
N VAL C 53 18.92 28.21 10.63
CA VAL C 53 18.64 26.79 10.77
C VAL C 53 19.11 26.11 9.49
N LYS C 54 19.63 24.89 9.65
CA LYS C 54 20.03 24.05 8.52
C LYS C 54 19.36 22.71 8.66
N ASN C 55 18.65 22.25 7.63
CA ASN C 55 17.96 20.96 7.65
C ASN C 55 18.91 19.83 7.27
N MET C 56 19.18 18.94 8.21
CA MET C 56 19.86 17.68 7.94
C MET C 56 19.08 16.57 8.63
N CYS C 57 17.91 16.24 8.10
CA CYS C 57 16.98 15.37 8.80
C CYS C 57 17.17 13.89 8.40
N SER C 58 16.58 13.00 9.20
CA SER C 58 16.73 11.56 9.09
C SER C 58 15.69 10.89 10.00
N ALA C 59 15.47 9.60 9.79
CA ALA C 59 14.48 8.89 10.58
C ALA C 59 15.00 8.49 11.96
N ASP C 60 16.17 7.86 12.00
CA ASP C 60 16.75 7.20 13.18
C ASP C 60 17.29 8.19 14.21
N ALA C 61 16.53 8.43 15.28
CA ALA C 61 16.87 9.52 16.19
C ALA C 61 17.98 9.16 17.19
N ASP C 62 18.31 7.88 17.36
CA ASP C 62 19.40 7.58 18.27
C ASP C 62 20.73 7.58 17.57
N ALA C 63 20.75 7.14 16.31
CA ALA C 63 21.82 7.49 15.40
C ALA C 63 22.12 8.98 15.44
N GLN C 64 21.09 9.82 15.39
CA GLN C 64 21.33 11.26 15.44
C GLN C 64 21.98 11.68 16.75
N LEU C 65 21.51 11.13 17.87
CA LEU C 65 22.08 11.48 19.17
C LEU C 65 23.54 11.08 19.28
N ASP C 66 23.88 9.86 18.86
CA ASP C 66 25.27 9.46 18.91
C ASP C 66 26.13 10.26 17.93
N ALA C 67 25.62 10.49 16.72
CA ALA C 67 26.37 11.34 15.80
C ALA C 67 26.65 12.71 16.41
N VAL C 68 25.66 13.30 17.09
CA VAL C 68 25.90 14.61 17.69
C VAL C 68 26.85 14.49 18.87
N LEU C 69 26.84 13.35 19.56
CA LEU C 69 27.84 13.15 20.61
C LEU C 69 29.24 13.03 20.03
N SER C 70 29.40 12.29 18.93
CA SER C 70 30.72 12.09 18.32
C SER C 70 31.31 13.41 17.87
N ALA C 71 30.54 14.18 17.09
CA ALA C 71 31.00 15.50 16.64
C ALA C 71 31.48 16.34 17.80
N ALA C 72 30.72 16.37 18.89
CA ALA C 72 31.05 17.26 20.00
C ALA C 72 32.22 16.73 20.81
N THR C 73 32.32 15.41 21.00
CA THR C 73 33.55 14.86 21.58
C THR C 73 34.76 15.35 20.80
N GLU C 74 34.82 15.02 19.50
CA GLU C 74 35.96 15.39 18.68
C GLU C 74 36.26 16.87 18.77
N THR C 75 35.31 17.69 18.34
CA THR C 75 35.55 19.13 18.24
C THR C 75 36.18 19.67 19.52
N TYR C 76 35.73 19.19 20.68
CA TYR C 76 36.29 19.64 21.96
C TYR C 76 37.67 19.05 22.19
N SER C 77 37.83 17.76 21.93
CA SER C 77 39.15 17.17 22.05
C SER C 77 40.14 17.80 21.08
N GLY C 78 39.64 18.45 20.03
CA GLY C 78 40.50 19.21 19.14
C GLY C 78 40.69 20.64 19.61
N LEU C 79 40.84 20.84 20.91
CA LEU C 79 41.04 22.17 21.45
C LEU C 79 42.42 22.27 22.10
N THR C 80 43.01 23.44 22.00
CA THR C 80 44.25 23.67 22.75
C THR C 80 43.92 23.55 24.22
N PRO C 81 44.75 22.87 25.01
CA PRO C 81 44.47 22.75 26.46
C PRO C 81 44.11 24.08 27.12
N GLU C 82 44.68 25.15 26.59
CA GLU C 82 44.41 26.48 27.12
C GLU C 82 42.95 26.86 26.89
N GLN C 83 42.39 26.49 25.73
CA GLN C 83 41.00 26.82 25.49
C GLN C 83 40.04 25.73 25.96
N LYS C 84 40.49 24.50 26.14
CA LYS C 84 39.65 23.58 26.90
C LYS C 84 39.43 24.09 28.31
N ALA C 85 40.29 24.97 28.79
CA ALA C 85 40.20 25.43 30.18
C ALA C 85 38.90 26.16 30.46
N TYR C 86 38.31 26.76 29.44
CA TYR C 86 37.17 27.65 29.60
C TYR C 86 35.84 26.92 29.53
N VAL C 87 35.84 25.61 29.42
CA VAL C 87 34.62 24.91 29.04
C VAL C 87 33.76 24.60 30.26
N PRO C 88 34.34 24.20 31.40
CA PRO C 88 33.47 24.01 32.58
C PRO C 88 32.65 25.24 32.92
N ALA C 89 33.23 26.44 32.81
CA ALA C 89 32.48 27.68 33.07
C ALA C 89 31.23 27.80 32.19
N MET C 90 31.32 27.37 30.92
CA MET C 90 30.15 27.40 30.03
C MET C 90 29.13 26.35 30.44
N PHE C 91 29.62 25.18 30.86
CA PHE C 91 28.77 24.15 31.43
C PHE C 91 27.91 24.70 32.55
N THR C 92 28.56 25.32 33.55
CA THR C 92 27.80 25.79 34.70
C THR C 92 26.82 26.87 34.28
N ALA C 93 27.24 27.79 33.43
CA ALA C 93 26.38 28.90 33.03
C ALA C 93 25.20 28.47 32.15
N ALA C 94 25.28 27.34 31.44
CA ALA C 94 24.23 26.97 30.50
C ALA C 94 23.40 25.78 30.93
N LEU C 95 24.00 24.81 31.60
CA LEU C 95 23.30 23.60 31.99
C LEU C 95 23.22 23.42 33.50
N ASN C 96 23.80 24.33 34.28
CA ASN C 96 23.76 24.23 35.73
C ASN C 96 24.40 22.91 36.16
N ILE C 97 25.58 22.66 35.62
CA ILE C 97 26.34 21.43 35.85
C ILE C 97 27.75 21.85 36.19
N GLN C 98 28.42 21.11 37.08
CA GLN C 98 29.80 21.39 37.44
C GLN C 98 30.71 20.31 36.89
N THR C 99 31.86 20.72 36.37
CA THR C 99 32.73 19.80 35.65
C THR C 99 34.16 20.34 35.66
N SER C 100 35.10 19.51 35.21
CA SER C 100 36.47 19.91 34.96
C SER C 100 36.86 19.44 33.57
N VAL C 101 38.00 19.95 33.08
CA VAL C 101 38.46 19.62 31.73
C VAL C 101 38.53 18.12 31.52
N ASN C 102 39.11 17.38 32.47
CA ASN C 102 39.22 15.93 32.27
C ASN C 102 37.89 15.23 32.37
N THR C 103 36.87 15.90 32.86
CA THR C 103 35.60 15.26 33.07
C THR C 103 34.56 15.60 32.01
N VAL C 104 34.79 16.64 31.20
CA VAL C 104 33.74 17.24 30.38
C VAL C 104 33.03 16.21 29.51
N VAL C 105 33.80 15.33 28.88
CA VAL C 105 33.19 14.41 27.91
C VAL C 105 32.13 13.55 28.59
N ARG C 106 32.53 12.83 29.65
CA ARG C 106 31.54 11.97 30.31
C ARG C 106 30.37 12.76 30.83
N ASP C 107 30.59 14.03 31.24
CA ASP C 107 29.55 14.81 31.91
C ASP C 107 28.56 15.39 30.92
N PHE C 108 29.04 15.88 29.76
CA PHE C 108 28.09 16.24 28.70
C PHE C 108 27.37 15.01 28.19
N GLU C 109 28.11 13.94 27.96
CA GLU C 109 27.53 12.65 27.59
C GLU C 109 26.35 12.34 28.48
N ASN C 110 26.62 12.19 29.79
CA ASN C 110 25.59 11.74 30.73
C ASN C 110 24.42 12.71 30.85
N TYR C 111 24.64 13.99 30.53
CA TYR C 111 23.53 14.93 30.55
C TYR C 111 22.64 14.75 29.32
N VAL C 112 23.22 14.45 28.17
CA VAL C 112 22.44 14.37 26.94
C VAL C 112 21.47 13.19 27.02
N LYS C 113 21.94 12.01 27.38
CA LYS C 113 20.97 10.91 27.36
C LYS C 113 20.03 10.93 28.54
N GLN C 114 20.37 11.58 29.64
CA GLN C 114 19.35 11.77 30.64
C GLN C 114 18.26 12.68 30.10
N THR C 115 18.67 13.82 29.52
CA THR C 115 17.72 14.85 29.14
C THR C 115 16.97 14.51 27.87
N CYS C 116 17.62 13.89 26.89
CA CYS C 116 16.90 13.62 25.65
C CYS C 116 16.31 12.21 25.58
N ASN C 117 16.47 11.39 26.63
CA ASN C 117 15.66 10.18 26.73
C ASN C 117 14.49 10.35 27.69
N SER C 118 14.43 11.47 28.41
CA SER C 118 13.31 11.78 29.29
C SER C 118 12.01 11.84 28.51
N SER C 119 10.89 11.60 29.22
CA SER C 119 9.57 11.51 28.59
C SER C 119 9.09 12.84 28.01
N ALA C 120 9.52 13.98 28.57
CA ALA C 120 9.06 15.26 28.05
C ALA C 120 9.67 15.60 26.71
N VAL C 121 10.76 14.94 26.35
CA VAL C 121 11.38 15.09 25.03
C VAL C 121 10.86 13.99 24.11
N VAL C 122 11.13 12.73 24.47
CA VAL C 122 10.86 11.65 23.52
C VAL C 122 9.39 11.60 23.14
N ASP C 123 8.49 11.97 24.06
CA ASP C 123 7.07 11.87 23.80
C ASP C 123 6.48 13.18 23.33
N ASN C 124 7.33 14.15 23.03
CA ASN C 124 6.91 15.38 22.36
C ASN C 124 6.88 15.13 20.85
N LYS C 125 5.68 15.10 20.28
CA LYS C 125 5.53 14.81 18.86
C LYS C 125 4.92 16.00 18.13
N LEU C 126 5.15 17.21 18.66
CA LEU C 126 4.63 18.40 18.02
C LEU C 126 5.54 18.78 16.85
N LYS C 127 4.95 18.93 15.68
CA LYS C 127 5.72 19.10 14.45
C LYS C 127 6.63 20.32 14.53
N ILE C 128 6.06 21.51 14.73
CA ILE C 128 6.85 22.75 14.68
C ILE C 128 7.33 23.14 16.08
N GLN C 129 8.63 23.29 16.26
CA GLN C 129 9.19 23.52 17.58
C GLN C 129 10.11 24.72 17.55
N ASN C 130 10.03 25.56 18.58
CA ASN C 130 10.83 26.77 18.59
C ASN C 130 12.04 26.61 19.51
N VAL C 131 13.01 27.47 19.28
CA VAL C 131 14.24 27.45 20.04
C VAL C 131 14.42 28.82 20.66
N ILE C 132 14.58 28.84 21.99
CA ILE C 132 14.81 30.07 22.74
C ILE C 132 16.22 29.99 23.35
N ILE C 133 17.00 31.04 23.16
CA ILE C 133 18.28 31.23 23.84
C ILE C 133 18.24 32.58 24.55
N ASP C 134 18.78 32.61 25.77
CA ASP C 134 18.69 33.78 26.63
C ASP C 134 19.49 34.96 26.07
N GLU C 135 20.74 34.72 25.69
CA GLU C 135 21.60 35.86 25.40
C GLU C 135 22.70 35.44 24.44
N CYS C 136 23.20 36.41 23.67
CA CYS C 136 24.26 36.15 22.71
C CYS C 136 24.94 37.47 22.37
N TYR C 137 26.27 37.44 22.29
CA TYR C 137 27.03 38.62 21.88
C TYR C 137 27.92 38.28 20.70
N GLY C 138 28.04 39.21 19.79
CA GLY C 138 28.98 39.07 18.71
C GLY C 138 29.92 40.23 18.68
N ALA C 139 31.01 40.11 17.92
CA ALA C 139 31.93 41.26 17.78
C ALA C 139 31.21 42.38 17.04
N PRO C 140 31.55 43.67 17.26
CA PRO C 140 30.85 44.77 16.61
C PRO C 140 30.62 44.53 15.11
N GLY C 141 31.67 44.66 14.30
CA GLY C 141 31.50 44.50 12.85
C GLY C 141 31.45 43.05 12.45
N SER C 142 31.68 42.16 13.41
CA SER C 142 31.69 40.73 13.12
C SER C 142 30.50 40.06 13.81
N PRO C 143 29.36 39.93 13.14
CA PRO C 143 28.27 39.13 13.72
C PRO C 143 28.77 37.73 14.00
N THR C 144 28.48 37.24 15.20
CA THR C 144 28.67 35.82 15.49
C THR C 144 27.57 35.03 14.79
N ASN C 145 27.92 34.27 13.76
CA ASN C 145 26.90 33.53 13.02
C ASN C 145 26.84 32.07 13.48
N LEU C 146 25.71 31.70 14.06
CA LEU C 146 25.47 30.35 14.51
C LEU C 146 24.45 29.64 13.62
N GLU C 147 24.56 28.32 13.59
CA GLU C 147 23.65 27.49 12.81
C GLU C 147 23.05 26.41 13.70
N PHE C 148 21.74 26.30 13.66
CA PHE C 148 21.03 25.21 14.26
C PHE C 148 20.92 24.09 13.23
N ILE C 149 21.39 22.90 13.57
CA ILE C 149 21.25 21.75 12.68
C ILE C 149 20.00 20.99 13.13
N ASN C 150 18.89 21.21 12.44
CA ASN C 150 17.66 20.47 12.69
C ASN C 150 17.80 19.01 12.27
N THR C 151 17.71 18.09 13.23
CA THR C 151 17.81 16.66 12.93
C THR C 151 16.48 16.01 12.56
N GLY C 152 15.36 16.72 12.66
CA GLY C 152 14.07 16.16 12.34
C GLY C 152 13.39 15.37 13.45
N SER C 153 14.09 15.06 14.53
CA SER C 153 13.52 14.47 15.74
C SER C 153 13.57 15.45 16.93
N SER C 154 12.74 15.14 17.92
CA SER C 154 12.82 15.88 19.17
C SER C 154 14.00 15.42 20.01
N LYS C 155 14.33 14.13 20.01
CA LYS C 155 15.50 13.68 20.76
C LYS C 155 16.78 14.28 20.20
N GLY C 156 16.84 14.43 18.86
CA GLY C 156 18.05 14.97 18.23
C GLY C 156 18.20 16.47 18.42
N ASN C 157 17.11 17.22 18.26
CA ASN C 157 17.23 18.66 18.45
C ASN C 157 17.55 19.01 19.89
N CYS C 158 17.13 18.17 20.82
CA CYS C 158 17.46 18.42 22.23
C CYS C 158 18.98 18.48 22.44
N ALA C 159 19.74 17.57 21.80
CA ALA C 159 21.18 17.57 21.92
C ALA C 159 21.81 18.75 21.18
N ILE C 160 21.31 19.05 19.98
CA ILE C 160 21.75 20.25 19.25
C ILE C 160 21.58 21.49 20.13
N LYS C 161 20.39 21.68 20.70
CA LYS C 161 20.10 22.92 21.41
C LYS C 161 21.01 23.07 22.64
N ALA C 162 21.35 21.95 23.28
CA ALA C 162 22.26 22.02 24.42
C ALA C 162 23.63 22.49 24.00
N LEU C 163 24.16 21.95 22.89
CA LEU C 163 25.37 22.51 22.31
C LEU C 163 25.22 23.99 22.04
N MET C 164 24.09 24.36 21.46
CA MET C 164 23.86 25.77 21.14
C MET C 164 23.81 26.61 22.40
N GLN C 165 23.24 26.08 23.48
CA GLN C 165 23.27 26.77 24.76
C GLN C 165 24.70 27.01 25.24
N LEU C 166 25.55 25.97 25.22
CA LEU C 166 26.95 26.17 25.61
C LEU C 166 27.61 27.21 24.74
N THR C 167 27.36 27.14 23.44
CA THR C 167 28.06 27.98 22.48
C THR C 167 27.74 29.44 22.70
N THR C 168 26.46 29.76 22.76
CA THR C 168 26.09 31.14 22.93
C THR C 168 26.52 31.67 24.29
N LYS C 169 26.66 30.80 25.30
CA LYS C 169 27.24 31.28 26.56
C LYS C 169 28.75 31.55 26.42
N ALA C 170 29.42 30.87 25.49
CA ALA C 170 30.82 31.17 25.27
C ALA C 170 31.03 32.58 24.76
N THR C 171 30.07 33.12 24.06
CA THR C 171 30.21 34.46 23.52
C THR C 171 30.14 35.53 24.57
N THR C 172 30.25 35.19 25.85
CA THR C 172 30.17 36.17 26.93
C THR C 172 31.36 36.05 27.91
#